data_4FST
#
_entry.id   4FST
#
_cell.length_a   45.187
_cell.length_b   65.741
_cell.length_c   58.074
_cell.angle_alpha   90.000
_cell.angle_beta   94.640
_cell.angle_gamma   90.000
#
_symmetry.space_group_name_H-M   'P 1 21 1'
#
loop_
_entity.id
_entity.type
_entity.pdbx_description
1 polymer 'Serine/threonine-protein kinase Chk1'
2 non-polymer 4-[(6,7-dimethoxy-2,4-dihydroindeno[1,2-c]pyrazol-3-yl)ethynyl]-2-methoxyphenol
3 non-polymer 'SULFATE ION'
4 non-polymer GLYCEROL
5 non-polymer 'ISOPROPYL ALCOHOL'
6 water water
#
_entity_poly.entity_id   1
_entity_poly.type   'polypeptide(L)'
_entity_poly.pdbx_seq_one_letter_code
;AVPFVEDWDLVQTLGEGAYGEVQLAVNRVTEEAVAVKIVDMKRAVDCPENIKKEICINKMLNHENVVKFYGHRREGNIQY
LFLEYCSGGELFDRIEPDIGMPEPDAQRFFHQLMAGVVYLHGIGITHRDIKPENLLLDERDNLKISDFGLATVFRYNNRE
RLLNKM(CSO)GTLPYVAPELLKRREFHAEPVDVWSCGIVLTAMLAGELPWDQPSDSCQEYSDWKEKKTYLNPWKKIDSA
PLALLHKILVENPSARITIPDIKKDRWYNKPLK
;
_entity_poly.pdbx_strand_id   A
#
loop_
_chem_comp.id
_chem_comp.type
_chem_comp.name
_chem_comp.formula
GOL non-polymer GLYCEROL 'C3 H8 O3'
HK4 non-polymer 4-[(6,7-dimethoxy-2,4-dihydroindeno[1,2-c]pyrazol-3-yl)ethynyl]-2-methoxyphenol 'C21 H18 N2 O4'
IPA non-polymer 'ISOPROPYL ALCOHOL' 'C3 H8 O'
SO4 non-polymer 'SULFATE ION' 'O4 S -2'
#
# COMPACT_ATOMS: atom_id res chain seq x y z
N VAL A 2 -23.65 -16.46 -26.19
CA VAL A 2 -22.77 -17.61 -26.00
C VAL A 2 -23.04 -18.25 -24.63
N PRO A 3 -23.45 -19.54 -24.57
CA PRO A 3 -23.78 -20.15 -23.27
C PRO A 3 -22.58 -20.45 -22.38
N PHE A 4 -22.82 -20.46 -21.05
CA PHE A 4 -21.92 -20.81 -19.94
C PHE A 4 -20.76 -19.82 -19.69
N VAL A 5 -20.61 -18.76 -20.50
CA VAL A 5 -19.51 -17.77 -20.37
C VAL A 5 -19.66 -16.95 -19.04
N GLU A 6 -20.82 -17.05 -18.37
CA GLU A 6 -21.11 -16.38 -17.11
C GLU A 6 -20.79 -17.30 -15.90
N ASP A 7 -20.38 -18.57 -16.16
CA ASP A 7 -20.09 -19.54 -15.10
C ASP A 7 -18.61 -19.55 -14.72
N TRP A 8 -18.36 -19.44 -13.40
CA TRP A 8 -17.03 -19.40 -12.81
C TRP A 8 -16.85 -20.54 -11.81
N ASP A 9 -15.71 -21.25 -11.89
CA ASP A 9 -15.40 -22.31 -10.92
C ASP A 9 -14.44 -21.76 -9.88
N LEU A 10 -14.80 -21.88 -8.59
CA LEU A 10 -13.95 -21.47 -7.48
C LEU A 10 -12.91 -22.57 -7.30
N VAL A 11 -11.62 -22.28 -7.54
CA VAL A 11 -10.60 -23.33 -7.51
C VAL A 11 -9.68 -23.31 -6.25
N GLN A 12 -9.39 -22.13 -5.65
CA GLN A 12 -8.57 -22.08 -4.43
C GLN A 12 -8.76 -20.78 -3.64
N THR A 13 -8.62 -20.90 -2.30
CA THR A 13 -8.73 -19.76 -1.37
C THR A 13 -7.42 -18.98 -1.44
N LEU A 14 -7.53 -17.67 -1.66
CA LEU A 14 -6.36 -16.78 -1.74
C LEU A 14 -6.11 -16.15 -0.37
N GLY A 15 -7.10 -15.46 0.17
CA GLY A 15 -7.04 -14.80 1.47
C GLY A 15 -8.15 -15.24 2.40
N GLY A 20 -14.16 -11.26 5.16
CA GLY A 20 -14.68 -12.44 4.49
C GLY A 20 -13.60 -13.38 3.98
N GLU A 21 -13.58 -13.60 2.65
CA GLU A 21 -12.62 -14.48 1.97
C GLU A 21 -12.44 -14.11 0.50
N VAL A 22 -11.23 -14.35 -0.05
CA VAL A 22 -10.91 -14.09 -1.44
C VAL A 22 -10.58 -15.44 -2.10
N GLN A 23 -11.29 -15.75 -3.19
CA GLN A 23 -11.11 -17.00 -3.92
C GLN A 23 -10.65 -16.77 -5.34
N LEU A 24 -9.84 -17.69 -5.86
CA LEU A 24 -9.43 -17.68 -7.26
C LEU A 24 -10.54 -18.40 -8.03
N ALA A 25 -11.16 -17.70 -8.98
CA ALA A 25 -12.22 -18.23 -9.83
C ALA A 25 -11.77 -18.27 -11.26
N VAL A 26 -12.07 -19.38 -11.95
CA VAL A 26 -11.70 -19.58 -13.34
C VAL A 26 -12.97 -19.73 -14.18
N ASN A 27 -13.06 -18.99 -15.29
CA ASN A 27 -14.20 -19.03 -16.19
C ASN A 27 -14.24 -20.39 -16.90
N ARG A 28 -15.39 -21.05 -16.82
CA ARG A 28 -15.69 -22.35 -17.39
C ARG A 28 -15.42 -22.39 -18.91
N VAL A 29 -15.68 -21.27 -19.62
CA VAL A 29 -15.54 -21.21 -21.08
C VAL A 29 -14.18 -20.65 -21.48
N THR A 30 -13.85 -19.43 -21.03
CA THR A 30 -12.65 -18.74 -21.49
C THR A 30 -11.38 -19.11 -20.72
N GLU A 31 -11.52 -19.71 -19.51
CA GLU A 31 -10.44 -20.06 -18.59
C GLU A 31 -9.78 -18.79 -17.99
N GLU A 32 -10.44 -17.62 -18.14
CA GLU A 32 -9.97 -16.36 -17.54
C GLU A 32 -10.02 -16.51 -16.01
N ALA A 33 -8.95 -16.05 -15.34
CA ALA A 33 -8.83 -16.09 -13.88
C ALA A 33 -9.18 -14.74 -13.27
N VAL A 34 -10.02 -14.76 -12.21
CA VAL A 34 -10.41 -13.56 -11.46
C VAL A 34 -10.34 -13.88 -9.96
N ALA A 35 -10.17 -12.83 -9.14
CA ALA A 35 -10.21 -12.95 -7.69
C ALA A 35 -11.61 -12.54 -7.25
N VAL A 36 -12.25 -13.36 -6.43
CA VAL A 36 -13.62 -13.08 -5.99
C VAL A 36 -13.61 -12.88 -4.50
N LYS A 37 -13.99 -11.68 -4.04
CA LYS A 37 -14.10 -11.38 -2.63
C LYS A 37 -15.53 -11.68 -2.20
N ILE A 38 -15.70 -12.60 -1.25
CA ILE A 38 -17.00 -13.05 -0.74
C ILE A 38 -17.16 -12.55 0.69
N VAL A 39 -18.19 -11.72 0.93
CA VAL A 39 -18.47 -11.14 2.25
C VAL A 39 -19.82 -11.66 2.76
N ASN A 50 -19.32 -0.53 5.31
CA ASN A 50 -17.95 -1.00 5.12
C ASN A 50 -17.78 -1.65 3.75
N ILE A 51 -18.69 -2.57 3.38
CA ILE A 51 -18.66 -3.25 2.10
C ILE A 51 -19.19 -2.31 0.98
N LYS A 52 -20.24 -1.50 1.27
CA LYS A 52 -20.83 -0.55 0.32
C LYS A 52 -19.79 0.50 -0.12
N LYS A 53 -19.00 1.02 0.85
CA LYS A 53 -17.95 2.00 0.62
C LYS A 53 -16.79 1.40 -0.20
N GLU A 54 -16.39 0.13 0.10
CA GLU A 54 -15.35 -0.60 -0.63
C GLU A 54 -15.73 -0.77 -2.10
N ILE A 55 -17.01 -1.07 -2.38
CA ILE A 55 -17.53 -1.21 -3.74
C ILE A 55 -17.55 0.18 -4.41
N CYS A 56 -18.09 1.20 -3.69
CA CYS A 56 -18.20 2.57 -4.20
CA CYS A 56 -18.20 2.58 -4.18
C CYS A 56 -16.81 3.13 -4.53
N ILE A 57 -15.81 2.88 -3.69
CA ILE A 57 -14.46 3.38 -3.98
C ILE A 57 -13.90 2.61 -5.19
N ASN A 58 -14.07 1.27 -5.24
CA ASN A 58 -13.58 0.44 -6.35
C ASN A 58 -14.15 0.85 -7.70
N LYS A 59 -15.41 1.32 -7.73
CA LYS A 59 -16.09 1.79 -8.96
C LYS A 59 -15.43 3.05 -9.55
N MET A 60 -14.73 3.83 -8.70
CA MET A 60 -14.04 5.05 -9.12
C MET A 60 -12.64 4.76 -9.69
N LEU A 61 -12.06 3.57 -9.41
CA LEU A 61 -10.66 3.26 -9.72
C LEU A 61 -10.40 2.65 -11.10
N ASN A 62 -9.38 3.18 -11.79
CA ASN A 62 -8.90 2.70 -13.09
C ASN A 62 -7.46 3.13 -13.30
N HIS A 63 -6.54 2.25 -12.92
CA HIS A 63 -5.11 2.50 -13.05
C HIS A 63 -4.35 1.18 -13.10
N GLU A 64 -3.26 1.19 -13.90
CA GLU A 64 -2.38 0.05 -14.13
CA GLU A 64 -2.38 0.04 -14.12
C GLU A 64 -1.68 -0.46 -12.84
N ASN A 65 -1.60 0.39 -11.76
CA ASN A 65 -0.96 -0.06 -10.50
C ASN A 65 -1.98 -0.18 -9.36
N VAL A 66 -3.25 -0.38 -9.71
CA VAL A 66 -4.38 -0.60 -8.81
C VAL A 66 -5.11 -1.87 -9.28
N VAL A 67 -5.31 -2.85 -8.38
CA VAL A 67 -6.04 -4.09 -8.70
C VAL A 67 -7.40 -3.69 -9.30
N LYS A 68 -7.64 -4.13 -10.54
CA LYS A 68 -8.83 -3.79 -11.33
C LYS A 68 -10.10 -4.35 -10.73
N PHE A 69 -11.16 -3.55 -10.76
CA PHE A 69 -12.50 -3.91 -10.30
C PHE A 69 -13.35 -4.22 -11.55
N TYR A 70 -13.91 -5.43 -11.63
CA TYR A 70 -14.73 -5.84 -12.79
C TYR A 70 -16.22 -5.65 -12.54
N GLY A 71 -16.66 -5.85 -11.30
CA GLY A 71 -18.05 -5.70 -10.91
C GLY A 71 -18.40 -6.34 -9.58
N HIS A 72 -19.67 -6.25 -9.20
CA HIS A 72 -20.17 -6.82 -7.95
C HIS A 72 -21.59 -7.38 -8.13
N ARG A 73 -21.94 -8.37 -7.29
CA ARG A 73 -23.25 -9.03 -7.27
C ARG A 73 -23.60 -9.45 -5.85
N ARG A 74 -24.86 -9.23 -5.45
CA ARG A 74 -25.35 -9.59 -4.12
C ARG A 74 -26.40 -10.71 -4.22
N GLU A 75 -26.02 -11.93 -3.80
CA GLU A 75 -26.90 -13.10 -3.79
C GLU A 75 -27.37 -13.35 -2.36
N GLY A 76 -28.43 -12.63 -1.97
CA GLY A 76 -29.00 -12.68 -0.64
C GLY A 76 -28.18 -11.86 0.34
N ASN A 77 -27.76 -12.49 1.44
CA ASN A 77 -26.94 -11.85 2.48
C ASN A 77 -25.46 -11.80 2.08
N ILE A 78 -25.05 -12.65 1.11
CA ILE A 78 -23.68 -12.74 0.63
C ILE A 78 -23.40 -11.74 -0.51
N GLN A 79 -22.29 -10.98 -0.38
CA GLN A 79 -21.83 -9.99 -1.35
C GLN A 79 -20.58 -10.50 -2.08
N TYR A 80 -20.57 -10.41 -3.41
CA TYR A 80 -19.47 -10.85 -4.27
C TYR A 80 -18.80 -9.67 -4.97
N LEU A 81 -17.45 -9.64 -4.97
CA LEU A 81 -16.66 -8.61 -5.63
C LEU A 81 -15.74 -9.28 -6.64
N PHE A 82 -15.88 -8.91 -7.92
CA PHE A 82 -15.10 -9.47 -9.02
C PHE A 82 -13.92 -8.55 -9.29
N LEU A 83 -12.72 -9.07 -8.98
CA LEU A 83 -11.48 -8.31 -9.05
C LEU A 83 -10.39 -9.00 -9.85
N GLU A 84 -9.42 -8.22 -10.32
CA GLU A 84 -8.25 -8.69 -11.06
C GLU A 84 -7.45 -9.69 -10.22
N TYR A 85 -7.13 -10.83 -10.82
CA TYR A 85 -6.31 -11.85 -10.18
C TYR A 85 -4.86 -11.52 -10.45
N CYS A 86 -4.06 -11.44 -9.37
CA CYS A 86 -2.64 -11.11 -9.43
C CYS A 86 -1.87 -12.39 -9.08
N SER A 87 -1.45 -13.14 -10.11
CA SER A 87 -0.82 -14.48 -9.95
C SER A 87 0.53 -14.46 -9.21
N GLY A 88 1.21 -13.31 -9.19
CA GLY A 88 2.49 -13.16 -8.50
C GLY A 88 2.39 -13.12 -6.99
N GLY A 89 1.17 -12.94 -6.47
CA GLY A 89 0.92 -12.91 -5.03
C GLY A 89 1.32 -11.62 -4.35
N GLU A 90 1.58 -11.69 -3.05
CA GLU A 90 1.89 -10.51 -2.27
C GLU A 90 3.35 -10.09 -2.36
N LEU A 91 3.62 -8.77 -2.35
CA LEU A 91 4.97 -8.24 -2.26
C LEU A 91 5.62 -8.76 -1.00
N PHE A 92 4.82 -8.94 0.08
CA PHE A 92 5.27 -9.47 1.36
C PHE A 92 6.12 -10.75 1.17
N ASP A 93 5.70 -11.66 0.27
CA ASP A 93 6.39 -12.92 0.03
C ASP A 93 7.64 -12.80 -0.84
N ARG A 94 7.94 -11.60 -1.36
CA ARG A 94 9.17 -11.32 -2.13
C ARG A 94 10.24 -10.74 -1.20
N ILE A 95 9.85 -10.45 0.05
CA ILE A 95 10.78 -9.86 1.00
C ILE A 95 11.40 -11.01 1.80
N GLU A 96 12.72 -11.14 1.75
CA GLU A 96 13.40 -12.19 2.50
CA GLU A 96 13.42 -12.19 2.50
C GLU A 96 13.61 -11.70 3.94
N PRO A 97 13.08 -12.42 4.98
CA PRO A 97 13.28 -11.92 6.36
C PRO A 97 14.73 -11.59 6.69
N ASP A 98 14.90 -10.41 7.33
CA ASP A 98 16.15 -9.78 7.78
CA ASP A 98 16.18 -9.84 7.78
C ASP A 98 17.14 -9.51 6.62
N ILE A 99 16.69 -9.67 5.36
CA ILE A 99 17.56 -9.38 4.21
C ILE A 99 16.90 -8.32 3.29
N GLY A 100 15.67 -8.57 2.89
CA GLY A 100 14.96 -7.67 1.98
C GLY A 100 14.92 -8.27 0.59
N MET A 101 15.41 -7.52 -0.39
CA MET A 101 15.44 -7.96 -1.80
C MET A 101 16.48 -7.11 -2.55
N PRO A 102 16.89 -7.47 -3.78
CA PRO A 102 17.87 -6.63 -4.49
C PRO A 102 17.36 -5.20 -4.67
N GLU A 103 18.24 -4.22 -4.42
CA GLU A 103 17.90 -2.78 -4.49
C GLU A 103 17.20 -2.38 -5.85
N PRO A 104 17.62 -2.91 -7.04
CA PRO A 104 16.91 -2.53 -8.28
C PRO A 104 15.47 -3.03 -8.29
N ASP A 105 15.17 -4.22 -7.68
CA ASP A 105 13.79 -4.71 -7.60
C ASP A 105 12.96 -3.80 -6.68
N ALA A 106 13.55 -3.41 -5.55
CA ALA A 106 12.89 -2.54 -4.58
C ALA A 106 12.62 -1.16 -5.21
N GLN A 107 13.56 -0.65 -6.01
CA GLN A 107 13.36 0.65 -6.66
C GLN A 107 12.22 0.58 -7.67
N ARG A 108 12.18 -0.50 -8.49
CA ARG A 108 11.12 -0.67 -9.50
C ARG A 108 9.74 -0.79 -8.80
N PHE A 109 9.65 -1.60 -7.73
CA PHE A 109 8.40 -1.73 -6.98
C PHE A 109 8.01 -0.40 -6.35
N PHE A 110 9.01 0.35 -5.86
CA PHE A 110 8.73 1.66 -5.23
C PHE A 110 8.23 2.67 -6.28
N HIS A 111 8.81 2.66 -7.52
CA HIS A 111 8.31 3.52 -8.60
C HIS A 111 6.82 3.21 -8.89
N GLN A 112 6.48 1.92 -8.98
CA GLN A 112 5.12 1.47 -9.28
C GLN A 112 4.17 1.81 -8.16
N LEU A 113 4.63 1.69 -6.90
CA LEU A 113 3.84 2.06 -5.72
C LEU A 113 3.53 3.57 -5.76
N MET A 114 4.56 4.41 -6.05
CA MET A 114 4.36 5.87 -6.18
C MET A 114 3.36 6.20 -7.30
N ALA A 115 3.43 5.52 -8.46
CA ALA A 115 2.47 5.76 -9.57
C ALA A 115 1.00 5.49 -9.10
N GLY A 116 0.82 4.39 -8.39
CA GLY A 116 -0.49 4.00 -7.85
C GLY A 116 -1.02 5.02 -6.85
N VAL A 117 -0.16 5.42 -5.88
CA VAL A 117 -0.53 6.38 -4.82
C VAL A 117 -0.77 7.78 -5.41
N VAL A 118 0.06 8.21 -6.39
CA VAL A 118 -0.15 9.52 -7.07
C VAL A 118 -1.54 9.54 -7.68
N TYR A 119 -1.91 8.41 -8.31
CA TYR A 119 -3.20 8.26 -8.98
C TYR A 119 -4.34 8.41 -7.97
N LEU A 120 -4.28 7.64 -6.87
CA LEU A 120 -5.30 7.66 -5.82
C LEU A 120 -5.46 9.06 -5.24
N HIS A 121 -4.33 9.68 -4.83
CA HIS A 121 -4.40 11.02 -4.23
C HIS A 121 -4.97 12.04 -5.24
N GLY A 122 -4.66 11.85 -6.52
CA GLY A 122 -5.16 12.72 -7.59
C GLY A 122 -6.66 12.70 -7.76
N ILE A 123 -7.31 11.58 -7.42
CA ILE A 123 -8.78 11.46 -7.50
C ILE A 123 -9.38 11.59 -6.07
N GLY A 124 -8.56 12.01 -5.11
CA GLY A 124 -9.00 12.31 -3.74
C GLY A 124 -9.25 11.11 -2.86
N ILE A 125 -8.59 10.00 -3.15
CA ILE A 125 -8.75 8.78 -2.34
C ILE A 125 -7.46 8.48 -1.57
N THR A 126 -7.61 8.14 -0.28
CA THR A 126 -6.48 7.68 0.54
C THR A 126 -6.72 6.19 0.84
N HIS A 127 -5.66 5.36 0.74
CA HIS A 127 -5.74 3.91 0.95
C HIS A 127 -5.85 3.60 2.45
N ARG A 128 -4.96 4.22 3.26
CA ARG A 128 -4.88 4.15 4.73
C ARG A 128 -4.33 2.83 5.28
N ASP A 129 -3.96 1.86 4.42
CA ASP A 129 -3.42 0.60 4.94
C ASP A 129 -2.39 0.01 4.01
N ILE A 130 -1.50 0.86 3.50
CA ILE A 130 -0.42 0.44 2.61
C ILE A 130 0.56 -0.40 3.40
N LYS A 131 0.79 -1.64 2.94
CA LYS A 131 1.73 -2.59 3.55
C LYS A 131 1.96 -3.69 2.51
N PRO A 132 3.08 -4.45 2.63
CA PRO A 132 3.42 -5.43 1.58
C PRO A 132 2.39 -6.56 1.39
N GLU A 133 1.54 -6.82 2.40
CA GLU A 133 0.47 -7.81 2.29
C GLU A 133 -0.62 -7.33 1.32
N ASN A 134 -0.76 -6.01 1.16
CA ASN A 134 -1.80 -5.35 0.35
C ASN A 134 -1.28 -4.88 -1.01
N LEU A 135 -0.04 -5.18 -1.33
CA LEU A 135 0.57 -4.80 -2.61
C LEU A 135 0.80 -6.10 -3.36
N LEU A 136 0.05 -6.30 -4.44
CA LEU A 136 0.13 -7.59 -5.15
C LEU A 136 0.89 -7.47 -6.42
N LEU A 137 1.31 -8.62 -6.98
CA LEU A 137 2.10 -8.66 -8.18
C LEU A 137 1.40 -9.47 -9.26
N ASP A 138 1.35 -8.92 -10.48
CA ASP A 138 0.71 -9.67 -11.59
C ASP A 138 1.73 -10.66 -12.19
N GLU A 139 1.36 -11.33 -13.31
CA GLU A 139 2.19 -12.32 -14.00
C GLU A 139 3.55 -11.75 -14.45
N ARG A 140 3.62 -10.43 -14.73
CA ARG A 140 4.86 -9.75 -15.15
C ARG A 140 5.53 -9.01 -13.97
N ASP A 141 5.18 -9.36 -12.71
CA ASP A 141 5.72 -8.75 -11.48
C ASP A 141 5.43 -7.24 -11.39
N ASN A 142 4.32 -6.78 -12.00
CA ASN A 142 3.87 -5.39 -11.88
C ASN A 142 3.14 -5.26 -10.58
N LEU A 143 3.48 -4.23 -9.79
CA LEU A 143 2.86 -3.98 -8.49
C LEU A 143 1.50 -3.34 -8.68
N LYS A 144 0.50 -3.85 -7.93
CA LYS A 144 -0.88 -3.40 -7.89
C LYS A 144 -1.33 -3.21 -6.45
N ILE A 145 -1.85 -2.02 -6.12
CA ILE A 145 -2.40 -1.73 -4.80
C ILE A 145 -3.74 -2.47 -4.67
N SER A 146 -3.89 -3.23 -3.56
CA SER A 146 -5.11 -4.01 -3.30
CA SER A 146 -5.09 -4.01 -3.29
C SER A 146 -5.75 -3.64 -1.97
N ASP A 147 -6.93 -4.24 -1.67
CA ASP A 147 -7.69 -4.09 -0.45
C ASP A 147 -8.01 -2.65 -0.12
N PHE A 148 -9.15 -2.18 -0.64
CA PHE A 148 -9.62 -0.82 -0.41
C PHE A 148 -10.68 -0.78 0.68
N GLY A 149 -10.65 -1.79 1.55
CA GLY A 149 -11.57 -1.93 2.68
C GLY A 149 -11.45 -0.83 3.72
N LEU A 150 -10.28 -0.17 3.82
CA LEU A 150 -10.09 0.93 4.78
C LEU A 150 -9.98 2.28 4.08
N ALA A 151 -10.07 2.28 2.75
CA ALA A 151 -9.90 3.50 1.94
C ALA A 151 -11.04 4.49 2.16
N THR A 152 -10.77 5.80 1.94
CA THR A 152 -11.81 6.82 2.09
C THR A 152 -11.51 8.01 1.19
N VAL A 153 -12.55 8.82 0.94
CA VAL A 153 -12.39 10.01 0.12
C VAL A 153 -11.92 11.13 1.06
N PHE A 154 -10.80 11.79 0.72
CA PHE A 154 -10.31 12.89 1.54
C PHE A 154 -10.46 14.24 0.84
N ARG A 155 -10.81 14.23 -0.47
CA ARG A 155 -11.00 15.48 -1.22
C ARG A 155 -12.22 15.32 -2.06
N TYR A 156 -13.13 16.29 -1.95
CA TYR A 156 -14.39 16.26 -2.68
C TYR A 156 -14.77 17.69 -3.05
N ASN A 157 -15.11 17.91 -4.34
CA ASN A 157 -15.42 19.25 -4.88
C ASN A 157 -14.26 20.20 -4.61
N ASN A 158 -13.01 19.68 -4.76
CA ASN A 158 -11.73 20.38 -4.57
CA ASN A 158 -11.74 20.39 -4.57
C ASN A 158 -11.55 20.89 -3.12
N ARG A 159 -12.30 20.32 -2.14
CA ARG A 159 -12.18 20.69 -0.73
CA ARG A 159 -12.15 20.70 -0.75
C ARG A 159 -11.58 19.52 0.04
N GLU A 160 -10.44 19.75 0.70
CA GLU A 160 -9.81 18.69 1.49
C GLU A 160 -10.51 18.54 2.82
N ARG A 161 -10.70 17.30 3.23
CA ARG A 161 -11.26 16.94 4.51
C ARG A 161 -10.15 16.34 5.36
N LEU A 162 -9.93 16.87 6.57
CA LEU A 162 -8.93 16.30 7.48
C LEU A 162 -9.48 15.04 8.07
N LEU A 163 -8.63 14.06 8.31
CA LEU A 163 -9.09 12.79 8.87
C LEU A 163 -8.95 12.79 10.37
N ASN A 164 -9.70 11.92 11.07
CA ASN A 164 -9.56 11.75 12.53
C ASN A 164 -9.62 10.26 12.96
N LYS A 165 -10.16 9.39 12.10
CA LYS A 165 -10.29 7.97 12.40
C LYS A 165 -8.93 7.25 12.46
N MET A 166 -8.79 6.33 13.44
CA MET A 166 -7.64 5.44 13.63
C MET A 166 -7.80 4.30 12.67
N CSO A 167 -7.02 4.32 11.60
CA CSO A 167 -7.13 3.29 10.61
CB CSO A 167 -7.89 3.70 9.30
SG CSO A 167 -9.60 4.20 9.50
C CSO A 167 -5.73 2.86 10.20
O CSO A 167 -4.80 3.67 10.28
OD CSO A 167 -10.36 2.81 9.80
N GLY A 168 -5.58 1.60 9.81
CA GLY A 168 -4.28 1.12 9.37
C GLY A 168 -3.72 -0.02 10.18
N THR A 169 -2.38 -0.18 10.15
CA THR A 169 -1.62 -1.25 10.80
C THR A 169 -0.45 -0.60 11.51
N LEU A 170 -0.37 -0.74 12.86
CA LEU A 170 0.58 0.01 13.71
C LEU A 170 2.04 0.16 13.19
N PRO A 171 2.75 -0.89 12.74
CA PRO A 171 4.15 -0.67 12.29
C PRO A 171 4.27 0.24 11.07
N TYR A 172 3.17 0.42 10.33
CA TYR A 172 3.12 1.26 9.11
C TYR A 172 2.43 2.62 9.28
N VAL A 173 1.80 2.86 10.43
CA VAL A 173 1.04 4.11 10.65
CA VAL A 173 1.04 4.08 10.65
C VAL A 173 1.98 5.27 10.95
N ALA A 174 1.60 6.46 10.49
CA ALA A 174 2.37 7.69 10.68
C ALA A 174 2.20 8.17 12.14
N PRO A 175 3.22 8.80 12.75
CA PRO A 175 3.10 9.20 14.17
C PRO A 175 1.96 10.18 14.48
N GLU A 176 1.55 11.03 13.51
CA GLU A 176 0.48 12.00 13.75
C GLU A 176 -0.86 11.30 14.04
N LEU A 177 -1.07 10.08 13.49
CA LEU A 177 -2.31 9.32 13.67
CA LEU A 177 -2.31 9.32 13.72
C LEU A 177 -2.45 8.98 15.16
N LEU A 178 -1.32 8.76 15.87
CA LEU A 178 -1.33 8.43 17.29
C LEU A 178 -1.27 9.68 18.20
N LYS A 179 -0.83 10.82 17.67
CA LYS A 179 -0.61 12.01 18.49
C LYS A 179 -1.63 13.12 18.31
N ARG A 180 -2.23 13.24 17.11
CA ARG A 180 -3.11 14.36 16.78
C ARG A 180 -4.55 13.94 16.58
N ARG A 181 -5.49 14.84 16.98
CA ARG A 181 -6.92 14.62 16.80
C ARG A 181 -7.27 14.60 15.31
N GLU A 182 -6.67 15.51 14.52
CA GLU A 182 -6.91 15.60 13.07
C GLU A 182 -5.61 15.63 12.31
N PHE A 183 -5.62 15.12 11.08
CA PHE A 183 -4.40 15.07 10.27
C PHE A 183 -4.74 14.97 8.80
N HIS A 184 -3.81 15.45 7.97
CA HIS A 184 -3.90 15.42 6.51
C HIS A 184 -3.75 13.96 6.04
N ALA A 185 -4.56 13.55 5.07
CA ALA A 185 -4.52 12.16 4.60
C ALA A 185 -3.23 11.79 3.84
N GLU A 186 -2.80 12.63 2.87
CA GLU A 186 -1.68 12.28 1.97
C GLU A 186 -0.36 11.97 2.69
N PRO A 187 0.11 12.76 3.71
CA PRO A 187 1.38 12.38 4.37
C PRO A 187 1.32 11.02 5.07
N VAL A 188 0.11 10.57 5.50
CA VAL A 188 -0.02 9.26 6.16
C VAL A 188 0.33 8.15 5.14
N ASP A 189 -0.19 8.24 3.90
CA ASP A 189 0.10 7.23 2.87
C ASP A 189 1.57 7.32 2.47
N VAL A 190 2.14 8.54 2.43
CA VAL A 190 3.58 8.71 2.10
C VAL A 190 4.43 7.94 3.14
N TRP A 191 4.12 8.12 4.44
CA TRP A 191 4.83 7.46 5.55
C TRP A 191 4.79 5.93 5.39
N SER A 192 3.61 5.35 5.19
CA SER A 192 3.50 3.87 5.06
C SER A 192 4.31 3.37 3.84
N CYS A 193 4.38 4.16 2.77
CA CYS A 193 5.24 3.84 1.59
C CYS A 193 6.72 3.81 2.02
N GLY A 194 7.13 4.72 2.89
CA GLY A 194 8.49 4.72 3.44
C GLY A 194 8.76 3.47 4.28
N ILE A 195 7.76 3.00 5.06
CA ILE A 195 7.95 1.77 5.87
C ILE A 195 8.03 0.57 4.91
N VAL A 196 7.21 0.56 3.86
CA VAL A 196 7.27 -0.52 2.85
C VAL A 196 8.67 -0.52 2.20
N LEU A 197 9.20 0.66 1.86
CA LEU A 197 10.55 0.74 1.25
C LEU A 197 11.61 0.18 2.23
N THR A 198 11.51 0.55 3.52
CA THR A 198 12.43 0.05 4.56
C THR A 198 12.42 -1.50 4.58
N ALA A 199 11.21 -2.10 4.57
CA ALA A 199 10.98 -3.55 4.60
C ALA A 199 11.57 -4.21 3.35
N MET A 200 11.39 -3.58 2.17
CA MET A 200 11.96 -4.13 0.94
C MET A 200 13.49 -4.13 0.98
N LEU A 201 14.09 -3.11 1.61
CA LEU A 201 15.56 -3.01 1.59
C LEU A 201 16.27 -3.65 2.78
N ALA A 202 15.51 -4.01 3.83
CA ALA A 202 16.15 -4.58 5.03
C ALA A 202 15.50 -5.86 5.53
N GLY A 203 14.30 -6.18 5.01
CA GLY A 203 13.57 -7.38 5.41
C GLY A 203 13.14 -7.38 6.86
N GLU A 204 12.95 -6.17 7.43
CA GLU A 204 12.51 -5.99 8.80
C GLU A 204 11.83 -4.64 8.96
N LEU A 205 10.90 -4.57 9.90
CA LEU A 205 10.18 -3.35 10.21
C LEU A 205 10.96 -2.62 11.28
N PRO A 206 11.10 -1.29 11.17
CA PRO A 206 11.96 -0.56 12.14
C PRO A 206 11.41 -0.47 13.56
N TRP A 207 10.07 -0.43 13.75
CA TRP A 207 9.48 -0.33 15.09
C TRP A 207 8.10 -0.95 15.13
N ASP A 208 7.60 -1.24 16.35
CA ASP A 208 6.26 -1.77 16.56
C ASP A 208 5.23 -0.71 16.25
N GLN A 209 5.57 0.56 16.52
CA GLN A 209 4.72 1.75 16.29
C GLN A 209 5.58 3.00 16.43
N PRO A 210 5.21 4.12 15.76
CA PRO A 210 6.05 5.33 15.85
C PRO A 210 5.70 6.22 17.04
N SER A 211 6.04 5.74 18.25
CA SER A 211 5.81 6.48 19.49
CA SER A 211 5.80 6.45 19.51
C SER A 211 7.12 6.70 20.23
N ASP A 212 7.20 7.76 21.04
CA ASP A 212 8.37 8.09 21.86
C ASP A 212 8.70 6.99 22.85
N SER A 213 7.67 6.21 23.28
CA SER A 213 7.81 5.06 24.18
C SER A 213 8.57 3.91 23.50
N CYS A 214 8.54 3.86 22.14
CA CYS A 214 9.23 2.84 21.37
CA CYS A 214 9.21 2.86 21.31
C CYS A 214 10.69 3.26 21.15
N GLN A 215 11.63 2.49 21.77
CA GLN A 215 13.07 2.74 21.73
C GLN A 215 13.62 2.84 20.31
N GLU A 216 13.20 1.94 19.40
CA GLU A 216 13.65 1.94 17.99
C GLU A 216 13.24 3.23 17.29
N TYR A 217 12.06 3.77 17.64
CA TYR A 217 11.59 5.01 17.03
C TYR A 217 12.42 6.20 17.54
N SER A 218 12.70 6.24 18.85
CA SER A 218 13.55 7.28 19.46
C SER A 218 14.94 7.27 18.86
N ASP A 219 15.50 6.07 18.64
CA ASP A 219 16.83 5.87 18.05
C ASP A 219 16.89 6.46 16.64
N TRP A 220 15.80 6.28 15.85
CA TRP A 220 15.70 6.81 14.51
C TRP A 220 15.69 8.35 14.55
N LYS A 221 14.87 8.94 15.44
CA LYS A 221 14.79 10.40 15.57
C LYS A 221 16.14 10.98 16.05
N GLU A 222 16.95 10.18 16.78
CA GLU A 222 18.29 10.54 17.27
C GLU A 222 19.37 10.21 16.21
N LYS A 223 18.94 9.80 14.98
CA LYS A 223 19.77 9.50 13.80
C LYS A 223 20.81 8.37 14.05
N LYS A 224 20.45 7.35 14.82
CA LYS A 224 21.32 6.20 15.10
C LYS A 224 21.20 5.18 13.95
N THR A 225 21.64 5.59 12.74
CA THR A 225 21.54 4.80 11.52
C THR A 225 22.61 3.68 11.45
N TYR A 226 23.45 3.55 12.50
CA TYR A 226 24.45 2.48 12.60
C TYR A 226 23.78 1.22 13.18
N LEU A 227 22.49 1.33 13.58
CA LEU A 227 21.67 0.24 14.10
C LEU A 227 20.81 -0.37 13.00
N ASN A 228 20.26 -1.58 13.26
CA ASN A 228 19.33 -2.23 12.35
C ASN A 228 17.98 -1.51 12.42
N PRO A 229 17.22 -1.37 11.31
CA PRO A 229 17.46 -1.91 9.96
C PRO A 229 18.33 -1.02 9.08
N TRP A 230 18.57 0.23 9.52
CA TRP A 230 19.23 1.29 8.73
C TRP A 230 20.65 0.91 8.26
N LYS A 231 21.42 0.19 9.09
CA LYS A 231 22.79 -0.17 8.70
C LYS A 231 22.81 -1.11 7.47
N LYS A 232 21.70 -1.80 7.16
CA LYS A 232 21.62 -2.67 5.99
C LYS A 232 21.30 -1.90 4.69
N ILE A 233 20.95 -0.61 4.79
CA ILE A 233 20.46 0.15 3.64
C ILE A 233 21.51 1.10 3.13
N ASP A 234 21.71 1.14 1.80
CA ASP A 234 22.72 2.00 1.18
C ASP A 234 22.39 3.45 1.45
N SER A 235 23.43 4.31 1.51
CA SER A 235 23.29 5.74 1.82
C SER A 235 22.28 6.48 0.90
N ALA A 236 22.23 6.17 -0.41
CA ALA A 236 21.28 6.86 -1.33
C ALA A 236 19.79 6.54 -0.95
N PRO A 237 19.29 5.28 -0.90
CA PRO A 237 17.90 5.08 -0.47
C PRO A 237 17.68 5.51 1.00
N LEU A 238 18.72 5.42 1.86
CA LEU A 238 18.58 5.83 3.27
C LEU A 238 18.35 7.35 3.36
N ALA A 239 18.97 8.15 2.44
CA ALA A 239 18.75 9.61 2.40
C ALA A 239 17.28 9.91 2.05
N LEU A 240 16.69 9.08 1.18
CA LEU A 240 15.26 9.22 0.86
C LEU A 240 14.42 8.89 2.10
N LEU A 241 14.75 7.79 2.78
CA LEU A 241 14.01 7.40 4.00
C LEU A 241 14.09 8.49 5.09
N HIS A 242 15.22 9.22 5.16
CA HIS A 242 15.37 10.34 6.10
C HIS A 242 14.39 11.45 5.76
N LYS A 243 13.98 11.58 4.49
CA LYS A 243 13.01 12.62 4.08
C LYS A 243 11.56 12.15 4.23
N ILE A 244 11.31 10.84 4.10
CA ILE A 244 9.96 10.29 4.25
C ILE A 244 9.58 10.11 5.72
N LEU A 245 10.46 9.47 6.49
CA LEU A 245 10.13 9.15 7.88
C LEU A 245 10.45 10.31 8.83
N VAL A 246 9.85 11.46 8.52
CA VAL A 246 9.96 12.72 9.26
C VAL A 246 8.70 12.79 10.12
N GLU A 247 8.88 12.97 11.45
CA GLU A 247 7.76 12.97 12.39
C GLU A 247 6.69 14.05 12.07
N ASN A 248 7.14 15.28 11.79
CA ASN A 248 6.22 16.37 11.47
C ASN A 248 5.66 16.14 10.05
N PRO A 249 4.35 15.88 9.89
CA PRO A 249 3.80 15.61 8.54
C PRO A 249 3.87 16.82 7.61
N SER A 250 3.91 18.05 8.16
CA SER A 250 4.00 19.27 7.33
C SER A 250 5.41 19.43 6.76
N ALA A 251 6.42 18.84 7.42
CA ALA A 251 7.82 18.89 6.97
C ALA A 251 8.17 17.66 6.13
N ARG A 252 7.34 16.62 6.19
CA ARG A 252 7.59 15.37 5.45
C ARG A 252 7.59 15.62 3.94
N ILE A 253 8.46 14.92 3.21
CA ILE A 253 8.56 15.02 1.75
C ILE A 253 7.21 14.63 1.09
N THR A 254 6.84 15.35 0.03
CA THR A 254 5.62 15.10 -0.72
C THR A 254 5.98 14.18 -1.89
N ILE A 255 5.00 13.55 -2.55
CA ILE A 255 5.34 12.65 -3.66
C ILE A 255 6.00 13.43 -4.82
N PRO A 256 5.55 14.66 -5.22
CA PRO A 256 6.28 15.36 -6.30
C PRO A 256 7.79 15.48 -5.98
N ASP A 257 8.16 15.70 -4.70
CA ASP A 257 9.57 15.82 -4.31
C ASP A 257 10.25 14.43 -4.19
N ILE A 258 9.50 13.36 -3.84
CA ILE A 258 10.06 11.99 -3.88
C ILE A 258 10.53 11.68 -5.32
N LYS A 259 9.74 12.05 -6.32
CA LYS A 259 10.03 11.84 -7.75
C LYS A 259 11.28 12.61 -8.23
N LYS A 260 11.75 13.60 -7.43
CA LYS A 260 12.97 14.38 -7.71
C LYS A 260 14.18 13.87 -6.91
N ASP A 261 13.96 12.87 -6.02
CA ASP A 261 15.01 12.34 -5.17
C ASP A 261 16.10 11.63 -5.99
N ARG A 262 17.34 11.75 -5.52
CA ARG A 262 18.53 11.19 -6.18
C ARG A 262 18.42 9.66 -6.33
N TRP A 263 18.15 8.91 -5.24
CA TRP A 263 18.04 7.45 -5.34
C TRP A 263 16.85 7.04 -6.22
N TYR A 264 15.71 7.75 -6.07
CA TYR A 264 14.52 7.49 -6.88
C TYR A 264 14.89 7.53 -8.39
N ASN A 265 15.78 8.43 -8.78
CA ASN A 265 16.18 8.61 -10.18
C ASN A 265 17.52 7.94 -10.55
N LYS A 266 18.09 7.15 -9.63
CA LYS A 266 19.39 6.50 -9.89
C LYS A 266 19.22 5.30 -10.82
N PRO A 267 19.94 5.22 -11.97
CA PRO A 267 19.84 4.03 -12.81
C PRO A 267 20.43 2.83 -12.06
N LEU A 268 19.64 1.76 -11.93
CA LEU A 268 20.04 0.54 -11.22
C LEU A 268 19.78 -0.67 -12.09
N LYS A 269 20.67 -1.66 -12.02
CA LYS A 269 20.61 -2.92 -12.77
C LYS A 269 21.19 -4.07 -11.94
O1 HK4 B . -10.99 -3.96 -2.08
C1 HK4 B . -10.28 -4.99 -2.62
C6 HK4 B . -9.57 -4.81 -3.81
O2 HK4 B . -9.67 -3.55 -4.35
C7 HK4 B . -8.97 -3.29 -5.57
C5 HK4 B . -8.83 -5.86 -4.34
C4 HK4 B . -8.81 -7.09 -3.68
C3 HK4 B . -9.50 -7.26 -2.48
C2 HK4 B . -10.24 -6.22 -1.96
C8 HK4 B . -8.09 -8.18 -4.27
C9 HK4 B . -7.46 -9.07 -4.76
C10 HK4 B . -6.65 -10.11 -5.20
C12 HK4 B . -5.90 -11.01 -4.48
C13 HK4 B . -5.54 -11.43 -3.10
C14 HK4 B . -4.47 -12.47 -3.34
C21 HK4 B . -4.31 -12.67 -4.70
C11 HK4 B . -5.17 -11.78 -5.46
N2 HK4 B . -5.45 -11.39 -6.70
N1 HK4 B . -6.34 -10.38 -6.54
C20 HK4 B . -3.37 -13.59 -5.18
C18 HK4 B . -2.59 -14.30 -4.27
O4 HK4 B . -1.65 -15.25 -4.61
C19 HK4 B . -1.49 -15.59 -5.99
C16 HK4 B . -2.75 -14.09 -2.89
C15 HK4 B . -3.70 -13.17 -2.43
O3 HK4 B . -1.93 -14.85 -2.09
C17 HK4 B . -2.07 -14.72 -0.67
H2 HK4 B . -10.88 -3.15 -2.65
H73 HK4 B . -9.33 -3.87 -6.41
H72 HK4 B . -7.89 -3.43 -5.46
H71 HK4 B . -9.16 -2.23 -5.75
H5 HK4 B . -8.25 -5.77 -5.25
H4 HK4 B . -9.46 -8.21 -1.96
H3 HK4 B . -10.79 -6.38 -1.03
H6 HK4 B . -6.38 -11.86 -2.57
H7 HK4 B . -5.18 -10.60 -2.50
H1 HK4 B . -6.72 -9.90 -7.36
H9 HK4 B . -3.32 -13.74 -6.26
H191 HK4 B . -2.43 -15.91 -6.44
H192 HK4 B . -0.80 -16.43 -5.96
H193 HK4 B . -1.06 -14.80 -6.61
H8 HK4 B . -3.88 -12.98 -1.38
H172 HK4 B . -3.08 -14.90 -0.31
H171 HK4 B . -1.42 -15.51 -0.30
H173 HK4 B . -1.71 -13.76 -0.30
S SO4 C . -13.73 8.25 7.31
O1 SO4 C . -14.05 8.67 5.97
O2 SO4 C . -13.53 6.77 7.37
O3 SO4 C . -12.51 8.92 7.76
O4 SO4 C . -14.82 8.63 8.21
C1 GOL D . -1.36 -7.33 10.86
O1 GOL D . -2.57 -6.67 10.45
C2 GOL D . -0.16 -6.86 10.03
O2 GOL D . -0.27 -7.14 8.58
C3 GOL D . 1.15 -7.30 10.67
O3 GOL D . 2.17 -6.33 10.37
C1 GOL E . 15.19 11.05 11.65
O1 GOL E . 16.51 11.30 11.17
C2 GOL E . 14.19 11.89 10.86
O2 GOL E . 14.43 11.77 9.44
C3 GOL E . 14.41 13.32 11.38
O3 GOL E . 13.49 14.24 10.79
C1 IPA F . 8.46 -8.23 8.11
C2 IPA F . 8.62 -7.14 7.02
C3 IPA F . 7.45 -7.22 6.01
O2 IPA F . 9.85 -7.39 6.36
C1 IPA G . -15.30 14.33 -7.93
C2 IPA G . -15.98 15.19 -6.87
C3 IPA G . -16.97 16.11 -7.60
O2 IPA G . -14.98 15.92 -6.20
#